data_8XWM
#
_entry.id   8XWM
#
_cell.length_a   1.00
_cell.length_b   1.00
_cell.length_c   1.00
_cell.angle_alpha   90.00
_cell.angle_beta   90.00
_cell.angle_gamma   90.00
#
_symmetry.space_group_name_H-M   'P 1'
#
loop_
_entity.id
_entity.type
_entity.pdbx_description
1 polymer 'C-X-C motif chemokine 6'
2 polymer 'C-X-C chemokine receptor type 2'
#
loop_
_entity_poly.entity_id
_entity_poly.type
_entity_poly.pdbx_seq_one_letter_code
_entity_poly.pdbx_strand_id
1 'polypeptide(L)' GPVSAVLTELRCTCLRVTLRVNPKTIGKLQVFPAGPQCSKVEVVASLKNGKQVCLDPEAPFLKKVIQKILDSGNKKN D
2 'polypeptide(L)'
;MGKTIIALSYIFCLVFADYKDDDDAANFTPVNGSSGNQSVRLVTSSSLEVLFQGPGSEDFNMESDSFEDFWKGEDLSNYS
YSSTLPPFLLDAAPCEPESLEINKYFVVIIYALVFLLSLLGNSLVMLVILYSRVGRSVTDVYLLNLALADLLFALTLPIW
AASKVNGWIFGTFLCKVVSLLKEVNFYSGILLLACISVDRYLAIVHATRTLTQKRYLVKFICLSIWGLSLLLALPVLLFR
RTVYSSNVSPACYEDMGNNTANWRMLLRILPQSFGFIVPLLIMLFCYGFTLRTLFKAHMGQKHRAMRVIFAVVLIFLLCW
LPYNLVLLADTLMRTQVIQETCERRNHIDRALDATEILGILHSCLNPLIYAFIGQKFRHGLLKILAIHGLISKDSLPKDS
RPSFVGSSSGHTSTTL
;
R
#
# COMPACT_ATOMS: atom_id res chain seq x y z
N ALA A 5 -18.50 -3.59 -10.93
CA ALA A 5 -17.46 -4.62 -11.04
C ALA A 5 -16.56 -4.48 -9.83
N VAL A 6 -15.27 -4.76 -9.96
CA VAL A 6 -14.38 -4.46 -8.84
C VAL A 6 -13.07 -3.96 -9.42
N LEU A 7 -12.56 -2.88 -8.84
CA LEU A 7 -11.32 -2.29 -9.32
C LEU A 7 -10.74 -1.38 -8.25
N THR A 8 -9.42 -1.37 -8.14
CA THR A 8 -8.72 -0.47 -7.23
C THR A 8 -7.90 0.58 -7.95
N GLU A 9 -7.61 0.39 -9.24
CA GLU A 9 -6.91 1.37 -10.06
C GLU A 9 -7.74 1.59 -11.32
N LEU A 10 -8.51 2.67 -11.34
CA LEU A 10 -9.36 2.99 -12.48
C LEU A 10 -8.51 3.47 -13.64
N ARG A 11 -8.90 3.07 -14.84
CA ARG A 11 -8.10 3.31 -16.04
C ARG A 11 -9.01 3.64 -17.20
N CYS A 12 -8.41 4.17 -18.27
CA CYS A 12 -9.18 4.61 -19.42
C CYS A 12 -9.86 3.43 -20.10
N THR A 13 -11.01 3.72 -20.73
CA THR A 13 -11.83 2.69 -21.35
C THR A 13 -11.40 2.37 -22.79
N CYS A 14 -10.50 3.18 -23.37
CA CYS A 14 -10.05 2.94 -24.73
C CYS A 14 -8.55 3.20 -24.81
N LEU A 15 -7.85 2.37 -25.56
CA LEU A 15 -6.41 2.53 -25.79
C LEU A 15 -6.10 3.19 -27.12
N ARG A 16 -6.88 2.91 -28.16
CA ARG A 16 -6.64 3.46 -29.47
C ARG A 16 -7.97 3.88 -30.08
N VAL A 17 -7.90 4.78 -31.06
CA VAL A 17 -9.07 5.43 -31.63
C VAL A 17 -9.26 4.96 -33.06
N THR A 18 -10.52 4.99 -33.51
CA THR A 18 -10.90 4.61 -34.86
C THR A 18 -11.48 5.81 -35.58
N LEU A 19 -10.97 6.09 -36.78
CA LEU A 19 -11.49 7.15 -37.63
C LEU A 19 -12.23 6.61 -38.86
N ARG A 20 -12.43 5.30 -38.94
CA ARG A 20 -13.09 4.67 -40.08
C ARG A 20 -14.36 3.97 -39.58
N VAL A 21 -15.51 4.61 -39.73
CA VAL A 21 -16.77 4.07 -39.26
C VAL A 21 -17.89 4.65 -40.10
N ASN A 22 -18.99 3.90 -40.22
CA ASN A 22 -20.16 4.33 -40.94
C ASN A 22 -21.30 4.64 -39.97
N PRO A 23 -21.96 5.79 -40.08
CA PRO A 23 -23.02 6.09 -39.11
C PRO A 23 -24.12 5.04 -39.05
N LYS A 24 -24.47 4.45 -40.18
CA LYS A 24 -25.58 3.49 -40.20
C LYS A 24 -25.28 2.26 -39.37
N THR A 25 -24.03 1.79 -39.40
CA THR A 25 -23.66 0.59 -38.66
C THR A 25 -23.63 0.81 -37.15
N ILE A 26 -23.75 2.05 -36.68
CA ILE A 26 -23.69 2.35 -35.26
C ILE A 26 -25.05 2.08 -34.63
N GLY A 27 -25.06 1.29 -33.56
CA GLY A 27 -26.30 0.97 -32.87
C GLY A 27 -26.53 1.82 -31.64
N LYS A 28 -25.50 1.96 -30.81
CA LYS A 28 -25.59 2.75 -29.59
C LYS A 28 -24.35 3.62 -29.48
N LEU A 29 -24.51 4.79 -28.86
CA LEU A 29 -23.42 5.74 -28.66
C LEU A 29 -23.39 6.18 -27.21
N GLN A 30 -22.20 6.19 -26.61
CA GLN A 30 -22.02 6.60 -25.23
C GLN A 30 -20.82 7.53 -25.12
N VAL A 31 -20.90 8.49 -24.21
CA VAL A 31 -19.87 9.49 -24.00
C VAL A 31 -19.40 9.41 -22.56
N PHE A 32 -18.08 9.29 -22.37
CA PHE A 32 -17.47 9.34 -21.06
C PHE A 32 -16.65 10.61 -20.95
N PRO A 33 -17.07 11.59 -20.15
CA PRO A 33 -16.30 12.82 -20.03
C PRO A 33 -15.09 12.65 -19.13
N ALA A 34 -14.15 13.56 -19.30
CA ALA A 34 -12.95 13.55 -18.46
C ALA A 34 -13.34 13.75 -17.00
N GLY A 35 -12.70 12.97 -16.13
CA GLY A 35 -12.96 13.01 -14.72
C GLY A 35 -11.89 12.28 -13.94
N PRO A 36 -12.22 11.82 -12.73
CA PRO A 36 -11.23 11.08 -11.94
C PRO A 36 -10.85 9.75 -12.56
N GLN A 37 -11.61 9.24 -13.53
CA GLN A 37 -11.36 7.91 -14.08
C GLN A 37 -10.32 7.95 -15.19
N CYS A 38 -10.44 8.89 -16.13
CA CYS A 38 -9.55 8.94 -17.28
C CYS A 38 -9.44 10.36 -17.79
N SER A 39 -8.25 10.71 -18.30
CA SER A 39 -8.00 12.09 -18.72
C SER A 39 -8.77 12.45 -19.98
N LYS A 40 -8.71 11.60 -21.00
CA LYS A 40 -9.24 11.95 -22.31
C LYS A 40 -10.70 11.57 -22.42
N VAL A 41 -11.49 12.48 -23.02
CA VAL A 41 -12.88 12.18 -23.29
C VAL A 41 -12.97 10.97 -24.21
N GLU A 42 -13.91 10.08 -23.93
CA GLU A 42 -14.07 8.85 -24.70
C GLU A 42 -15.45 8.84 -25.34
N VAL A 43 -15.52 8.39 -26.60
CA VAL A 43 -16.77 8.19 -27.31
C VAL A 43 -16.79 6.75 -27.80
N VAL A 44 -17.72 5.96 -27.27
CA VAL A 44 -17.81 4.54 -27.59
C VAL A 44 -19.05 4.31 -28.43
N ALA A 45 -18.87 3.68 -29.59
CA ALA A 45 -19.96 3.34 -30.49
C ALA A 45 -20.06 1.83 -30.55
N SER A 46 -21.17 1.28 -30.05
CA SER A 46 -21.46 -0.14 -30.13
C SER A 46 -22.26 -0.40 -31.40
N LEU A 47 -21.67 -1.17 -32.32
CA LEU A 47 -22.27 -1.40 -33.62
C LEU A 47 -23.37 -2.45 -33.54
N LYS A 48 -24.15 -2.54 -34.61
CA LYS A 48 -25.29 -3.45 -34.67
C LYS A 48 -24.87 -4.92 -34.71
N ASN A 49 -23.61 -5.22 -35.03
CA ASN A 49 -23.13 -6.58 -35.09
C ASN A 49 -22.49 -7.04 -33.77
N GLY A 50 -22.54 -6.21 -32.73
CA GLY A 50 -21.94 -6.53 -31.46
C GLY A 50 -20.55 -5.97 -31.25
N LYS A 51 -19.91 -5.49 -32.30
CA LYS A 51 -18.59 -4.89 -32.18
C LYS A 51 -18.71 -3.45 -31.66
N GLN A 52 -17.75 -3.06 -30.81
CA GLN A 52 -17.69 -1.72 -30.28
C GLN A 52 -16.37 -1.07 -30.67
N VAL A 53 -16.41 0.23 -30.93
CA VAL A 53 -15.25 0.99 -31.35
C VAL A 53 -15.16 2.27 -30.53
N CYS A 54 -13.97 2.85 -30.51
CA CYS A 54 -13.73 4.13 -29.84
C CYS A 54 -13.37 5.18 -30.88
N LEU A 55 -14.03 6.33 -30.81
CA LEU A 55 -13.91 7.37 -31.82
C LEU A 55 -13.19 8.58 -31.25
N ASP A 56 -12.66 9.40 -32.14
CA ASP A 56 -11.90 10.58 -31.73
C ASP A 56 -12.86 11.68 -31.28
N PRO A 57 -12.82 12.11 -30.02
CA PRO A 57 -13.67 13.25 -29.62
C PRO A 57 -13.28 14.54 -30.32
N GLU A 58 -12.06 14.64 -30.85
CA GLU A 58 -11.61 15.85 -31.52
C GLU A 58 -12.03 15.90 -32.98
N ALA A 59 -12.55 14.80 -33.53
CA ALA A 59 -12.96 14.77 -34.93
C ALA A 59 -14.06 15.79 -35.15
N PRO A 60 -14.05 16.51 -36.28
CA PRO A 60 -15.06 17.58 -36.45
C PRO A 60 -16.50 17.09 -36.33
N PHE A 61 -16.87 16.07 -37.10
CA PHE A 61 -18.24 15.58 -37.07
C PHE A 61 -18.59 15.03 -35.68
N LEU A 62 -17.73 14.17 -35.14
CA LEU A 62 -17.99 13.61 -33.83
C LEU A 62 -17.93 14.68 -32.75
N LYS A 63 -17.03 15.67 -32.90
CA LYS A 63 -16.96 16.76 -31.94
C LYS A 63 -18.27 17.54 -31.92
N LYS A 64 -18.82 17.83 -33.10
CA LYS A 64 -20.09 18.55 -33.16
C LYS A 64 -21.21 17.70 -32.56
N VAL A 65 -21.22 16.40 -32.85
CA VAL A 65 -22.25 15.53 -32.30
C VAL A 65 -22.19 15.53 -30.77
N ILE A 66 -20.98 15.42 -30.22
CA ILE A 66 -20.82 15.41 -28.76
C ILE A 66 -21.25 16.74 -28.17
N GLN A 67 -20.84 17.85 -28.79
CA GLN A 67 -21.22 19.16 -28.28
C GLN A 67 -22.73 19.35 -28.30
N LYS A 68 -23.39 18.86 -29.34
CA LYS A 68 -24.85 18.94 -29.39
C LYS A 68 -25.49 18.22 -28.21
N ILE A 69 -24.82 17.20 -27.69
CA ILE A 69 -25.32 16.45 -26.54
C ILE A 69 -25.19 17.30 -25.28
N LEU B 89 -7.32 -4.10 -38.57
CA LEU B 89 -8.75 -3.79 -38.56
C LEU B 89 -9.32 -3.86 -37.14
N LEU B 90 -8.91 -4.85 -36.37
CA LEU B 90 -9.48 -5.12 -35.05
C LEU B 90 -8.64 -4.52 -33.93
N ASP B 91 -7.64 -3.68 -34.25
CA ASP B 91 -6.78 -3.13 -33.22
C ASP B 91 -7.58 -2.30 -32.21
N ALA B 92 -8.51 -1.48 -32.69
CA ALA B 92 -9.24 -0.54 -31.85
C ALA B 92 -10.53 -1.19 -31.37
N ALA B 93 -10.67 -1.30 -30.05
CA ALA B 93 -11.90 -1.83 -29.45
C ALA B 93 -11.81 -1.68 -27.93
N PRO B 94 -12.93 -1.59 -27.22
CA PRO B 94 -12.88 -1.44 -25.77
C PRO B 94 -12.24 -2.64 -25.09
N CYS B 95 -11.58 -2.38 -23.97
CA CYS B 95 -11.02 -3.41 -23.11
C CYS B 95 -11.91 -3.56 -21.88
N GLU B 96 -12.30 -4.81 -21.59
CA GLU B 96 -13.21 -5.08 -20.49
C GLU B 96 -12.43 -5.36 -19.22
N PRO B 97 -12.64 -4.60 -18.14
CA PRO B 97 -12.01 -4.96 -16.86
C PRO B 97 -12.62 -6.25 -16.32
N GLU B 98 -11.79 -7.27 -16.19
CA GLU B 98 -12.25 -8.62 -15.86
C GLU B 98 -11.97 -8.93 -14.39
N SER B 99 -12.84 -9.75 -13.82
CA SER B 99 -12.70 -10.16 -12.42
C SER B 99 -13.38 -11.50 -12.23
N LEU B 100 -13.07 -12.15 -11.11
CA LEU B 100 -13.63 -13.46 -10.78
C LEU B 100 -14.06 -13.49 -9.32
N GLU B 101 -15.09 -14.26 -9.04
CA GLU B 101 -15.65 -14.33 -7.69
C GLU B 101 -14.70 -15.05 -6.74
N ILE B 102 -13.98 -16.07 -7.23
CA ILE B 102 -13.06 -16.81 -6.37
C ILE B 102 -12.05 -15.87 -5.73
N ASN B 103 -11.54 -14.90 -6.51
CA ASN B 103 -10.60 -13.94 -5.95
C ASN B 103 -11.24 -13.14 -4.83
N LYS B 104 -12.49 -12.71 -5.02
CA LYS B 104 -13.19 -11.98 -3.96
C LYS B 104 -13.26 -12.80 -2.68
N TYR B 105 -13.71 -14.05 -2.80
CA TYR B 105 -13.87 -14.90 -1.61
C TYR B 105 -12.53 -15.14 -0.94
N PHE B 106 -11.49 -15.43 -1.73
CA PHE B 106 -10.16 -15.65 -1.20
C PHE B 106 -9.65 -14.42 -0.46
N VAL B 107 -9.83 -13.24 -1.04
CA VAL B 107 -9.38 -12.01 -0.39
C VAL B 107 -10.11 -11.81 0.92
N VAL B 108 -11.42 -12.05 0.93
CA VAL B 108 -12.18 -11.89 2.16
C VAL B 108 -11.61 -12.78 3.27
N ILE B 109 -11.42 -14.06 2.95
CA ILE B 109 -10.95 -14.99 3.97
C ILE B 109 -9.57 -14.59 4.48
N ILE B 110 -8.65 -14.26 3.55
CA ILE B 110 -7.30 -13.92 3.96
C ILE B 110 -7.31 -12.68 4.84
N TYR B 111 -8.08 -11.67 4.45
CA TYR B 111 -8.13 -10.44 5.23
C TYR B 111 -8.66 -10.71 6.63
N ALA B 112 -9.72 -11.51 6.75
CA ALA B 112 -10.24 -11.80 8.08
C ALA B 112 -9.19 -12.53 8.94
N LEU B 113 -8.52 -13.52 8.36
CA LEU B 113 -7.54 -14.28 9.12
C LEU B 113 -6.41 -13.37 9.59
N VAL B 114 -5.92 -12.50 8.70
CA VAL B 114 -4.86 -11.57 9.07
C VAL B 114 -5.35 -10.62 10.15
N PHE B 115 -6.59 -10.14 10.06
CA PHE B 115 -7.14 -9.29 11.10
C PHE B 115 -7.04 -9.98 12.46
N LEU B 116 -7.53 -11.22 12.54
CA LEU B 116 -7.51 -11.91 13.83
C LEU B 116 -6.09 -12.10 14.34
N LEU B 117 -5.17 -12.54 13.47
CA LEU B 117 -3.81 -12.80 13.92
C LEU B 117 -3.13 -11.53 14.40
N SER B 118 -3.25 -10.44 13.63
CA SER B 118 -2.62 -9.18 14.02
C SER B 118 -3.20 -8.66 15.32
N LEU B 119 -4.52 -8.72 15.47
CA LEU B 119 -5.13 -8.29 16.72
C LEU B 119 -4.56 -9.06 17.90
N LEU B 120 -4.51 -10.40 17.79
CA LEU B 120 -4.01 -11.20 18.90
C LEU B 120 -2.57 -10.85 19.23
N GLY B 121 -1.70 -10.81 18.21
CA GLY B 121 -0.29 -10.56 18.47
C GLY B 121 -0.04 -9.20 19.09
N ASN B 122 -0.66 -8.16 18.52
CA ASN B 122 -0.44 -6.81 19.03
C ASN B 122 -0.99 -6.66 20.44
N SER B 123 -2.17 -7.24 20.71
CA SER B 123 -2.71 -7.17 22.06
C SER B 123 -1.79 -7.86 23.05
N LEU B 124 -1.26 -9.03 22.69
CA LEU B 124 -0.35 -9.71 23.60
C LEU B 124 0.91 -8.91 23.85
N VAL B 125 1.47 -8.29 22.82
CA VAL B 125 2.68 -7.49 23.00
C VAL B 125 2.40 -6.32 23.93
N MET B 126 1.28 -5.62 23.72
CA MET B 126 0.95 -4.49 24.57
C MET B 126 0.74 -4.91 26.01
N LEU B 127 0.05 -6.03 26.23
CA LEU B 127 -0.18 -6.51 27.58
C LEU B 127 1.13 -6.88 28.26
N VAL B 128 2.04 -7.53 27.52
CA VAL B 128 3.32 -7.91 28.11
C VAL B 128 4.11 -6.66 28.50
N ILE B 129 4.15 -5.67 27.61
CA ILE B 129 4.98 -4.50 27.87
C ILE B 129 4.43 -3.67 29.02
N LEU B 130 3.12 -3.40 29.01
CA LEU B 130 2.55 -2.43 29.93
C LEU B 130 2.32 -2.97 31.33
N TYR B 131 2.30 -4.29 31.52
CA TYR B 131 1.86 -4.85 32.80
C TYR B 131 2.76 -4.42 33.94
N SER B 132 4.06 -4.61 33.80
CA SER B 132 5.03 -4.28 34.84
C SER B 132 6.04 -3.28 34.29
N ARG B 133 6.24 -2.19 35.02
CA ARG B 133 7.12 -1.12 34.59
C ARG B 133 8.58 -1.36 34.96
N VAL B 134 8.95 -2.61 35.20
CA VAL B 134 10.35 -2.93 35.48
C VAL B 134 11.15 -2.91 34.18
N GLY B 135 12.21 -2.11 34.16
CA GLY B 135 13.09 -2.04 33.01
C GLY B 135 12.38 -1.61 31.74
N ARG B 136 11.92 -0.36 31.69
CA ARG B 136 11.29 0.19 30.49
C ARG B 136 12.39 0.73 29.58
N SER B 137 13.07 -0.19 28.91
CA SER B 137 14.16 0.16 28.02
C SER B 137 13.62 0.76 26.72
N VAL B 138 14.53 1.36 25.95
CA VAL B 138 14.13 2.03 24.71
C VAL B 138 13.43 1.06 23.78
N THR B 139 13.97 -0.16 23.63
CA THR B 139 13.35 -1.13 22.75
C THR B 139 11.91 -1.39 23.17
N ASP B 140 11.60 -1.29 24.46
CA ASP B 140 10.24 -1.48 24.91
C ASP B 140 9.33 -0.39 24.34
N VAL B 141 9.78 0.86 24.37
CA VAL B 141 9.00 1.96 23.81
C VAL B 141 8.78 1.75 22.32
N TYR B 142 9.85 1.37 21.61
CA TYR B 142 9.71 1.17 20.18
C TYR B 142 8.73 0.05 19.86
N LEU B 143 8.80 -1.07 20.60
CA LEU B 143 7.88 -2.16 20.37
C LEU B 143 6.44 -1.76 20.71
N LEU B 144 6.26 -0.96 21.75
CA LEU B 144 4.92 -0.45 22.06
C LEU B 144 4.36 0.33 20.89
N ASN B 145 5.13 1.27 20.36
CA ASN B 145 4.64 2.10 19.26
C ASN B 145 4.36 1.24 18.02
N LEU B 146 5.26 0.32 17.72
CA LEU B 146 5.05 -0.55 16.56
C LEU B 146 3.78 -1.38 16.71
N ALA B 147 3.55 -1.94 17.90
CA ALA B 147 2.34 -2.71 18.13
C ALA B 147 1.09 -1.85 18.01
N LEU B 148 1.13 -0.62 18.51
CA LEU B 148 -0.02 0.26 18.33
C LEU B 148 -0.30 0.50 16.86
N ALA B 149 0.74 0.77 16.08
CA ALA B 149 0.54 1.03 14.65
C ALA B 149 -0.07 -0.18 13.97
N ASP B 150 0.47 -1.37 14.23
CA ASP B 150 -0.07 -2.58 13.61
C ASP B 150 -1.50 -2.84 14.05
N LEU B 151 -1.80 -2.61 15.32
CA LEU B 151 -3.16 -2.83 15.80
C LEU B 151 -4.15 -1.89 15.11
N LEU B 152 -3.77 -0.63 14.93
CA LEU B 152 -4.67 0.29 14.24
C LEU B 152 -4.86 -0.14 12.78
N PHE B 153 -3.79 -0.54 12.11
CA PHE B 153 -3.92 -1.01 10.74
C PHE B 153 -4.87 -2.19 10.66
N ALA B 154 -4.72 -3.15 11.56
CA ALA B 154 -5.62 -4.29 11.59
C ALA B 154 -7.05 -3.86 11.86
N LEU B 155 -7.25 -2.90 12.76
CA LEU B 155 -8.58 -2.40 13.02
C LEU B 155 -9.22 -1.80 11.78
N THR B 156 -8.44 -1.15 10.94
CA THR B 156 -8.97 -0.59 9.69
C THR B 156 -9.15 -1.65 8.59
N LEU B 157 -8.50 -2.79 8.70
CA LEU B 157 -8.56 -3.80 7.63
C LEU B 157 -9.98 -4.20 7.22
N PRO B 158 -10.89 -4.50 8.16
CA PRO B 158 -12.19 -5.06 7.76
C PRO B 158 -12.98 -4.20 6.78
N ILE B 159 -12.95 -2.88 6.94
CA ILE B 159 -13.66 -2.02 6.00
C ILE B 159 -13.06 -2.17 4.61
N TRP B 160 -11.73 -2.30 4.54
CA TRP B 160 -11.09 -2.57 3.26
C TRP B 160 -11.55 -3.90 2.69
N ALA B 161 -11.72 -4.91 3.55
CA ALA B 161 -12.23 -6.20 3.07
C ALA B 161 -13.61 -6.04 2.45
N ALA B 162 -14.49 -5.28 3.11
CA ALA B 162 -15.82 -5.05 2.55
C ALA B 162 -15.74 -4.29 1.23
N SER B 163 -14.88 -3.27 1.17
CA SER B 163 -14.69 -2.54 -0.07
C SER B 163 -14.30 -3.48 -1.21
N LYS B 164 -13.35 -4.37 -0.94
CA LYS B 164 -12.98 -5.38 -1.94
C LYS B 164 -14.17 -6.28 -2.26
N VAL B 165 -15.03 -6.55 -1.28
CA VAL B 165 -16.19 -7.41 -1.50
C VAL B 165 -17.10 -6.80 -2.56
N ASN B 166 -17.47 -5.53 -2.39
CA ASN B 166 -18.47 -4.92 -3.26
C ASN B 166 -18.17 -3.50 -3.68
N GLY B 167 -16.95 -3.00 -3.44
CA GLY B 167 -16.65 -1.61 -3.70
C GLY B 167 -17.08 -0.72 -2.55
N TRP B 168 -16.76 0.57 -2.67
CA TRP B 168 -17.00 1.50 -1.58
C TRP B 168 -18.44 1.98 -1.62
N ILE B 169 -19.30 1.28 -0.88
CA ILE B 169 -20.68 1.68 -0.69
C ILE B 169 -20.89 2.33 0.68
N PHE B 170 -19.81 2.60 1.40
CA PHE B 170 -19.90 3.00 2.80
C PHE B 170 -19.93 4.52 3.00
N GLY B 171 -19.75 5.30 1.94
CA GLY B 171 -19.84 6.75 2.03
C GLY B 171 -18.50 7.44 1.91
N THR B 172 -18.57 8.75 1.68
CA THR B 172 -17.35 9.53 1.46
C THR B 172 -16.59 9.76 2.75
N PHE B 173 -17.29 10.06 3.84
CA PHE B 173 -16.62 10.34 5.11
C PHE B 173 -15.81 9.13 5.57
N LEU B 174 -16.38 7.94 5.46
CA LEU B 174 -15.64 6.74 5.82
C LEU B 174 -14.45 6.53 4.90
N CYS B 175 -14.61 6.78 3.59
CA CYS B 175 -13.47 6.71 2.69
C CYS B 175 -12.33 7.59 3.20
N LYS B 176 -12.63 8.86 3.48
CA LYS B 176 -11.57 9.76 3.93
C LYS B 176 -10.94 9.28 5.23
N VAL B 177 -11.75 8.93 6.22
CA VAL B 177 -11.24 8.60 7.54
C VAL B 177 -10.40 7.32 7.47
N VAL B 178 -10.96 6.27 6.85
CA VAL B 178 -10.26 4.99 6.78
C VAL B 178 -8.97 5.13 5.99
N SER B 179 -9.01 5.85 4.86
CA SER B 179 -7.79 6.02 4.07
C SER B 179 -6.72 6.77 4.87
N LEU B 180 -7.13 7.83 5.57
CA LEU B 180 -6.16 8.56 6.39
C LEU B 180 -5.53 7.66 7.42
N LEU B 181 -6.36 6.92 8.18
CA LEU B 181 -5.83 6.07 9.23
C LEU B 181 -4.91 5.01 8.66
N LYS B 182 -5.30 4.38 7.55
CA LYS B 182 -4.49 3.34 6.93
C LYS B 182 -3.14 3.88 6.50
N GLU B 183 -3.14 5.01 5.77
CA GLU B 183 -1.87 5.54 5.29
C GLU B 183 -0.98 5.98 6.44
N VAL B 184 -1.56 6.61 7.46
CA VAL B 184 -0.75 7.03 8.60
C VAL B 184 -0.12 5.83 9.29
N ASN B 185 -0.90 4.76 9.49
CA ASN B 185 -0.36 3.59 10.15
C ASN B 185 0.75 2.95 9.31
N PHE B 186 0.56 2.90 7.99
CA PHE B 186 1.57 2.31 7.12
C PHE B 186 2.88 3.09 7.19
N TYR B 187 2.79 4.41 7.05
CA TYR B 187 4.00 5.24 7.13
C TYR B 187 4.67 5.11 8.49
N SER B 188 3.89 5.15 9.57
CA SER B 188 4.47 5.06 10.90
C SER B 188 5.14 3.72 11.14
N GLY B 189 4.52 2.62 10.69
CA GLY B 189 5.16 1.33 10.84
C GLY B 189 6.48 1.27 10.12
N ILE B 190 6.52 1.74 8.87
CA ILE B 190 7.78 1.68 8.13
C ILE B 190 8.85 2.52 8.82
N LEU B 191 8.52 3.75 9.17
CA LEU B 191 9.54 4.62 9.75
C LEU B 191 9.94 4.15 11.14
N LEU B 192 9.06 3.44 11.86
CA LEU B 192 9.44 2.86 13.13
C LEU B 192 10.39 1.68 12.95
N LEU B 193 10.20 0.87 11.91
CA LEU B 193 11.22 -0.12 11.59
C LEU B 193 12.56 0.55 11.34
N ALA B 194 12.55 1.66 10.59
CA ALA B 194 13.78 2.38 10.32
C ALA B 194 14.42 2.87 11.62
N CYS B 195 13.62 3.43 12.52
CA CYS B 195 14.17 3.94 13.78
C CYS B 195 14.70 2.82 14.66
N ILE B 196 14.02 1.67 14.72
CA ILE B 196 14.56 0.54 15.47
C ILE B 196 15.90 0.13 14.90
N SER B 197 16.02 0.11 13.57
CA SER B 197 17.30 -0.21 12.96
C SER B 197 18.37 0.79 13.37
N VAL B 198 18.02 2.08 13.38
CA VAL B 198 18.99 3.09 13.80
C VAL B 198 19.42 2.84 15.24
N ASP B 199 18.48 2.51 16.12
CA ASP B 199 18.82 2.23 17.51
C ASP B 199 19.79 1.06 17.60
N ARG B 200 19.52 -0.02 16.86
CA ARG B 200 20.42 -1.17 16.92
C ARG B 200 21.81 -0.81 16.40
N TYR B 201 21.89 -0.03 15.32
CA TYR B 201 23.19 0.37 14.81
C TYR B 201 23.95 1.21 15.81
N LEU B 202 23.28 2.15 16.46
CA LEU B 202 23.96 2.97 17.46
C LEU B 202 24.22 2.21 18.76
N ALA B 203 23.60 1.05 18.95
CA ALA B 203 23.80 0.26 20.16
C ALA B 203 24.91 -0.76 20.03
N ILE B 204 25.09 -1.39 18.87
CA ILE B 204 26.09 -2.45 18.75
C ILE B 204 27.37 -1.95 18.07
N VAL B 205 27.27 -0.97 17.17
CA VAL B 205 28.47 -0.44 16.52
C VAL B 205 29.13 0.62 17.40
N HIS B 206 28.43 1.70 17.67
CA HIS B 206 28.91 2.76 18.55
C HIS B 206 28.52 2.48 19.99
N ALA B 207 29.06 1.39 20.54
CA ALA B 207 28.72 0.94 21.88
C ALA B 207 29.68 1.44 22.94
N THR B 208 30.98 1.47 22.65
CA THR B 208 31.96 1.90 23.64
C THR B 208 31.98 3.41 23.82
N ARG B 209 31.60 4.16 22.80
CA ARG B 209 31.77 5.61 22.76
C ARG B 209 30.63 6.30 23.51
N THR B 210 30.67 7.63 23.56
CA THR B 210 29.64 8.42 24.22
C THR B 210 28.46 8.75 23.32
N LEU B 211 28.55 8.43 22.01
CA LEU B 211 27.42 8.63 21.13
C LEU B 211 26.20 7.84 21.58
N THR B 212 26.41 6.76 22.32
CA THR B 212 25.29 5.94 22.79
C THR B 212 24.34 6.72 23.70
N GLN B 213 24.79 7.84 24.26
CA GLN B 213 23.93 8.67 25.07
C GLN B 213 22.89 9.43 24.26
N LYS B 214 22.98 9.39 22.93
CA LYS B 214 22.05 10.10 22.06
C LYS B 214 20.84 9.25 21.66
N ARG B 215 20.72 8.04 22.21
CA ARG B 215 19.61 7.16 21.91
C ARG B 215 18.50 7.23 22.94
N TYR B 216 18.58 8.15 23.89
CA TYR B 216 17.56 8.32 24.93
C TYR B 216 16.49 9.33 24.51
N LEU B 217 16.33 9.56 23.21
CA LEU B 217 15.31 10.47 22.69
C LEU B 217 14.13 9.72 22.07
N VAL B 218 13.79 8.56 22.64
CA VAL B 218 12.75 7.74 22.04
C VAL B 218 11.43 8.49 22.01
N LYS B 219 11.11 9.20 23.09
CA LYS B 219 9.86 9.96 23.12
C LYS B 219 9.80 10.94 21.95
N PHE B 220 10.84 11.75 21.79
CA PHE B 220 10.85 12.77 20.74
C PHE B 220 10.88 12.14 19.37
N ILE B 221 11.69 11.09 19.18
CA ILE B 221 11.78 10.45 17.87
C ILE B 221 10.43 9.86 17.47
N CYS B 222 9.78 9.17 18.41
CA CYS B 222 8.48 8.57 18.11
C CYS B 222 7.43 9.64 17.81
N LEU B 223 7.41 10.71 18.59
CA LEU B 223 6.45 11.77 18.33
C LEU B 223 6.70 12.39 16.97
N SER B 224 7.97 12.62 16.62
CA SER B 224 8.30 13.20 15.33
C SER B 224 7.88 12.27 14.20
N ILE B 225 8.09 10.97 14.37
CA ILE B 225 7.69 10.03 13.31
C ILE B 225 6.19 10.04 13.13
N TRP B 226 5.44 9.99 14.24
CA TRP B 226 3.98 10.06 14.12
C TRP B 226 3.55 11.35 13.43
N GLY B 227 4.16 12.48 13.79
CA GLY B 227 3.78 13.75 13.17
C GLY B 227 4.10 13.78 11.70
N LEU B 228 5.28 13.28 11.31
CA LEU B 228 5.65 13.27 9.90
C LEU B 228 4.72 12.37 9.11
N SER B 229 4.37 11.21 9.64
CA SER B 229 3.43 10.34 8.96
C SER B 229 2.08 11.03 8.80
N LEU B 230 1.60 11.68 9.86
CA LEU B 230 0.33 12.39 9.79
C LEU B 230 0.37 13.45 8.70
N LEU B 231 1.43 14.26 8.68
CA LEU B 231 1.54 15.30 7.67
C LEU B 231 1.61 14.72 6.27
N LEU B 232 2.34 13.61 6.09
CA LEU B 232 2.49 13.00 4.79
C LEU B 232 1.22 12.32 4.30
N ALA B 233 0.31 11.96 5.20
CA ALA B 233 -0.91 11.26 4.82
C ALA B 233 -2.07 12.21 4.54
N LEU B 234 -1.89 13.51 4.72
CA LEU B 234 -2.98 14.47 4.50
C LEU B 234 -3.44 14.52 3.05
N PRO B 235 -2.57 14.28 2.07
CA PRO B 235 -3.05 14.25 0.68
C PRO B 235 -4.18 13.27 0.47
N VAL B 236 -4.16 12.15 1.21
CA VAL B 236 -5.27 11.20 1.15
C VAL B 236 -6.54 11.84 1.69
N LEU B 237 -6.46 12.52 2.83
CA LEU B 237 -7.65 13.12 3.43
C LEU B 237 -8.24 14.19 2.53
N LEU B 238 -7.39 15.03 1.92
CA LEU B 238 -7.91 16.15 1.16
C LEU B 238 -8.51 15.71 -0.16
N PHE B 239 -7.93 14.72 -0.82
CA PHE B 239 -8.20 14.43 -2.22
C PHE B 239 -8.61 12.98 -2.43
N ARG B 240 -9.53 12.48 -1.61
CA ARG B 240 -10.10 11.14 -1.79
C ARG B 240 -11.61 11.23 -1.62
N ARG B 241 -12.34 10.72 -2.60
CA ARG B 241 -13.80 10.72 -2.56
C ARG B 241 -14.32 9.53 -3.35
N THR B 242 -15.56 9.16 -3.07
CA THR B 242 -16.20 8.10 -3.82
C THR B 242 -16.29 8.49 -5.29
N VAL B 243 -15.92 7.57 -6.17
CA VAL B 243 -15.90 7.81 -7.61
C VAL B 243 -16.86 6.85 -8.29
N TYR B 244 -17.66 7.38 -9.21
CA TYR B 244 -18.69 6.62 -9.90
C TYR B 244 -18.33 6.48 -11.37
N SER B 245 -18.67 5.33 -11.94
CA SER B 245 -18.50 5.07 -13.36
C SER B 245 -19.51 4.02 -13.79
N SER B 246 -19.86 4.04 -15.07
CA SER B 246 -20.87 3.14 -15.61
C SER B 246 -20.42 1.69 -15.64
N ASN B 247 -19.14 1.43 -15.92
CA ASN B 247 -18.65 0.07 -16.01
C ASN B 247 -17.87 -0.38 -14.78
N VAL B 248 -17.41 0.56 -13.96
CA VAL B 248 -16.65 0.23 -12.76
C VAL B 248 -17.51 0.51 -11.54
N SER B 249 -17.53 -0.43 -10.60
CA SER B 249 -18.29 -0.27 -9.38
C SER B 249 -17.62 0.75 -8.47
N PRO B 250 -18.35 1.27 -7.49
CA PRO B 250 -17.79 2.34 -6.64
C PRO B 250 -16.53 1.89 -5.93
N ALA B 251 -15.62 2.85 -5.77
CA ALA B 251 -14.38 2.62 -5.03
C ALA B 251 -13.89 3.96 -4.50
N CYS B 252 -13.22 3.91 -3.35
CA CYS B 252 -12.72 5.11 -2.67
C CYS B 252 -11.43 5.56 -3.36
N TYR B 253 -11.61 6.28 -4.46
CA TYR B 253 -10.53 6.72 -5.33
C TYR B 253 -10.23 8.20 -5.08
N GLU B 254 -9.28 8.76 -5.83
CA GLU B 254 -8.90 10.16 -5.72
C GLU B 254 -9.75 11.02 -6.66
N ASP B 255 -9.94 12.27 -6.28
CA ASP B 255 -10.61 13.28 -7.11
C ASP B 255 -9.78 14.56 -7.03
N MET B 256 -8.81 14.67 -7.94
CA MET B 256 -7.92 15.83 -7.97
C MET B 256 -8.16 16.75 -9.18
N GLY B 257 -9.02 16.34 -10.11
CA GLY B 257 -9.30 17.14 -11.28
C GLY B 257 -9.54 16.23 -12.46
N ASN B 258 -9.75 16.85 -13.63
CA ASN B 258 -10.00 16.10 -14.85
C ASN B 258 -8.77 15.39 -15.38
N ASN B 259 -7.57 15.85 -15.03
CA ASN B 259 -6.33 15.17 -15.36
C ASN B 259 -5.75 14.45 -14.15
N THR B 260 -6.63 13.92 -13.29
CA THR B 260 -6.18 13.32 -12.05
C THR B 260 -5.31 12.09 -12.31
N ALA B 261 -5.49 11.44 -13.45
CA ALA B 261 -4.73 10.23 -13.76
C ALA B 261 -3.23 10.49 -13.65
N ASN B 262 -2.75 11.57 -14.26
CA ASN B 262 -1.34 11.91 -14.16
C ASN B 262 -0.97 12.34 -12.74
N TRP B 263 -1.87 13.08 -12.08
CA TRP B 263 -1.56 13.60 -10.75
C TRP B 263 -1.29 12.47 -9.77
N ARG B 264 -2.04 11.37 -9.89
CA ARG B 264 -1.81 10.24 -8.99
C ARG B 264 -0.40 9.70 -9.16
N MET B 265 0.16 9.80 -10.37
CA MET B 265 1.53 9.37 -10.57
C MET B 265 2.50 10.16 -9.70
N LEU B 266 2.35 11.49 -9.70
CA LEU B 266 3.21 12.30 -8.84
C LEU B 266 2.95 11.99 -7.37
N LEU B 267 1.69 11.81 -6.99
CA LEU B 267 1.39 11.47 -5.60
C LEU B 267 2.06 10.17 -5.19
N ARG B 268 2.12 9.19 -6.09
CA ARG B 268 2.70 7.90 -5.74
C ARG B 268 4.18 7.99 -5.42
N ILE B 269 4.85 9.06 -5.83
CA ILE B 269 6.27 9.19 -5.51
C ILE B 269 6.49 9.27 -4.02
N LEU B 270 5.46 9.70 -3.26
CA LEU B 270 5.61 9.79 -1.81
C LEU B 270 5.72 8.41 -1.18
N PRO B 271 4.72 7.53 -1.27
CA PRO B 271 4.84 6.22 -0.62
C PRO B 271 6.02 5.41 -1.11
N GLN B 272 6.44 5.58 -2.36
CA GLN B 272 7.54 4.82 -2.91
C GLN B 272 8.91 5.45 -2.66
N SER B 273 8.95 6.63 -2.04
CA SER B 273 10.21 7.30 -1.74
C SER B 273 10.51 7.32 -0.24
N PHE B 274 9.59 7.84 0.57
CA PHE B 274 9.72 7.78 2.02
C PHE B 274 9.03 6.55 2.60
N GLY B 275 8.69 5.57 1.78
CA GLY B 275 8.04 4.37 2.27
C GLY B 275 8.80 3.11 1.95
N PHE B 276 9.66 3.14 0.93
CA PHE B 276 10.47 1.96 0.61
C PHE B 276 11.93 2.28 0.42
N ILE B 277 12.24 3.41 -0.21
CA ILE B 277 13.64 3.69 -0.58
C ILE B 277 14.42 4.17 0.64
N VAL B 278 13.93 5.20 1.31
CA VAL B 278 14.60 5.75 2.48
C VAL B 278 14.67 4.69 3.58
N PRO B 279 13.57 4.04 3.93
CA PRO B 279 13.63 3.00 4.97
C PRO B 279 14.57 1.86 4.59
N LEU B 280 14.53 1.40 3.33
CA LEU B 280 15.42 0.32 2.93
C LEU B 280 16.88 0.76 3.02
N LEU B 281 17.19 1.98 2.59
CA LEU B 281 18.56 2.46 2.69
C LEU B 281 19.03 2.50 4.14
N ILE B 282 18.20 3.06 5.03
CA ILE B 282 18.60 3.16 6.43
C ILE B 282 18.81 1.76 7.02
N MET B 283 17.86 0.86 6.78
CA MET B 283 17.98 -0.48 7.34
C MET B 283 19.21 -1.19 6.79
N LEU B 284 19.46 -1.10 5.48
CA LEU B 284 20.62 -1.76 4.90
C LEU B 284 21.90 -1.25 5.51
N PHE B 285 22.08 0.08 5.54
CA PHE B 285 23.29 0.64 6.12
C PHE B 285 23.48 0.19 7.57
N CYS B 286 22.45 0.40 8.39
CA CYS B 286 22.55 0.12 9.81
C CYS B 286 22.86 -1.35 10.07
N TYR B 287 22.04 -2.24 9.50
CA TYR B 287 22.22 -3.66 9.77
C TYR B 287 23.47 -4.22 9.12
N GLY B 288 23.93 -3.66 8.01
CA GLY B 288 25.18 -4.10 7.44
C GLY B 288 26.34 -3.81 8.37
N PHE B 289 26.40 -2.59 8.89
CA PHE B 289 27.51 -2.29 9.80
C PHE B 289 27.36 -3.04 11.13
N THR B 290 26.13 -3.24 11.60
CA THR B 290 25.95 -4.09 12.78
C THR B 290 26.45 -5.50 12.53
N LEU B 291 26.17 -6.06 11.35
CA LEU B 291 26.67 -7.38 11.00
C LEU B 291 28.19 -7.40 10.95
N ARG B 292 28.80 -6.36 10.40
CA ARG B 292 30.26 -6.31 10.40
C ARG B 292 30.81 -6.36 11.82
N THR B 293 30.31 -5.48 12.69
CA THR B 293 30.83 -5.43 14.05
C THR B 293 30.61 -6.74 14.79
N LEU B 294 29.43 -7.35 14.64
CA LEU B 294 29.22 -8.67 15.24
C LEU B 294 30.16 -9.71 14.67
N PHE B 295 30.38 -9.71 13.37
CA PHE B 295 31.29 -10.67 12.75
C PHE B 295 32.71 -10.51 13.25
N LYS B 296 33.09 -9.32 13.69
CA LYS B 296 34.38 -9.12 14.32
C LYS B 296 34.34 -9.29 15.85
N ALA B 297 33.45 -10.13 16.36
CA ALA B 297 33.30 -10.32 17.79
C ALA B 297 33.62 -11.76 18.19
N HIS B 298 34.10 -11.91 19.42
CA HIS B 298 34.37 -13.21 20.02
C HIS B 298 33.34 -13.60 21.06
N MET B 299 32.13 -13.05 20.98
CA MET B 299 31.10 -13.34 21.97
C MET B 299 30.69 -14.80 21.89
N GLY B 300 29.84 -15.20 22.84
CA GLY B 300 29.35 -16.58 22.85
C GLY B 300 28.05 -16.75 22.07
N GLN B 301 27.36 -15.66 21.76
CA GLN B 301 26.06 -15.72 21.11
C GLN B 301 25.98 -14.80 19.90
N LYS B 302 27.02 -14.79 19.07
CA LYS B 302 26.96 -14.05 17.81
C LYS B 302 25.98 -14.69 16.85
N HIS B 303 25.87 -16.02 16.88
CA HIS B 303 25.15 -16.75 15.84
C HIS B 303 23.68 -16.32 15.80
N ARG B 304 23.02 -16.37 16.95
CA ARG B 304 21.59 -16.06 16.97
C ARG B 304 21.32 -14.62 16.58
N ALA B 305 22.17 -13.69 17.02
CA ALA B 305 21.99 -12.31 16.63
C ALA B 305 22.10 -12.13 15.13
N MET B 306 23.11 -12.74 14.49
CA MET B 306 23.21 -12.64 13.05
C MET B 306 22.00 -13.25 12.36
N ARG B 307 21.54 -14.41 12.83
CA ARG B 307 20.37 -15.03 12.22
C ARG B 307 19.15 -14.12 12.33
N VAL B 308 18.94 -13.51 13.49
CA VAL B 308 17.75 -12.69 13.68
C VAL B 308 17.82 -11.44 12.82
N ILE B 309 19.01 -10.83 12.70
CA ILE B 309 19.13 -9.64 11.86
C ILE B 309 18.83 -9.99 10.41
N PHE B 310 19.41 -11.08 9.92
CA PHE B 310 19.11 -11.49 8.54
C PHE B 310 17.63 -11.80 8.37
N ALA B 311 17.02 -12.44 9.37
CA ALA B 311 15.60 -12.75 9.28
C ALA B 311 14.78 -11.48 9.16
N VAL B 312 15.10 -10.47 9.97
CA VAL B 312 14.33 -9.22 9.92
C VAL B 312 14.45 -8.59 8.55
N VAL B 313 15.68 -8.50 8.02
CA VAL B 313 15.84 -7.84 6.73
C VAL B 313 15.13 -8.61 5.62
N LEU B 314 15.31 -9.93 5.59
CA LEU B 314 14.68 -10.73 4.55
C LEU B 314 13.17 -10.70 4.66
N ILE B 315 12.63 -10.71 5.87
CA ILE B 315 11.19 -10.64 6.04
C ILE B 315 10.66 -9.30 5.53
N PHE B 316 11.33 -8.20 5.87
CA PHE B 316 10.90 -6.91 5.37
C PHE B 316 10.88 -6.88 3.85
N LEU B 317 11.96 -7.35 3.23
CA LEU B 317 11.99 -7.36 1.76
C LEU B 317 10.89 -8.23 1.19
N LEU B 318 10.80 -9.49 1.65
CA LEU B 318 9.75 -10.38 1.15
C LEU B 318 8.37 -9.77 1.31
N CYS B 319 8.17 -8.99 2.37
CA CYS B 319 6.86 -8.40 2.62
C CYS B 319 6.55 -7.24 1.70
N TRP B 320 7.51 -6.35 1.43
CA TRP B 320 7.19 -5.09 0.77
C TRP B 320 7.73 -4.94 -0.65
N LEU B 321 8.68 -5.76 -1.09
CA LEU B 321 9.28 -5.57 -2.40
C LEU B 321 8.26 -5.73 -3.52
N PRO B 322 7.45 -6.81 -3.52
CA PRO B 322 6.54 -7.01 -4.65
C PRO B 322 5.57 -5.85 -4.86
N TYR B 323 5.05 -5.27 -3.78
CA TYR B 323 4.10 -4.17 -3.93
C TYR B 323 4.74 -2.99 -4.63
N ASN B 324 5.96 -2.63 -4.21
CA ASN B 324 6.65 -1.50 -4.83
C ASN B 324 7.02 -1.79 -6.27
N LEU B 325 7.44 -3.02 -6.56
CA LEU B 325 7.78 -3.36 -7.94
C LEU B 325 6.55 -3.25 -8.84
N VAL B 326 5.42 -3.78 -8.38
CA VAL B 326 4.20 -3.70 -9.19
C VAL B 326 3.75 -2.25 -9.33
N LEU B 327 3.91 -1.45 -8.28
CA LEU B 327 3.54 -0.04 -8.38
C LEU B 327 4.38 0.67 -9.43
N LEU B 328 5.69 0.43 -9.42
CA LEU B 328 6.55 1.05 -10.42
C LEU B 328 6.19 0.58 -11.81
N ALA B 329 5.88 -0.71 -11.97
CA ALA B 329 5.46 -1.21 -13.27
C ALA B 329 4.18 -0.51 -13.74
N ASP B 330 3.22 -0.34 -12.84
CA ASP B 330 1.96 0.33 -13.20
C ASP B 330 2.21 1.77 -13.61
N THR B 331 3.07 2.47 -12.86
CA THR B 331 3.37 3.86 -13.22
C THR B 331 4.03 3.93 -14.59
N LEU B 332 4.97 3.02 -14.86
CA LEU B 332 5.61 3.00 -16.17
C LEU B 332 4.60 2.70 -17.27
N MET B 333 3.68 1.77 -17.02
CA MET B 333 2.65 1.46 -18.01
C MET B 333 1.77 2.68 -18.31
N ARG B 334 1.37 3.42 -17.27
CA ARG B 334 0.63 4.65 -17.49
C ARG B 334 1.46 5.72 -18.17
N THR B 335 2.79 5.64 -18.06
CA THR B 335 3.67 6.56 -18.77
C THR B 335 3.93 6.14 -20.21
N GLN B 336 3.40 4.99 -20.63
CA GLN B 336 3.58 4.47 -21.99
C GLN B 336 5.02 4.06 -22.24
N VAL B 337 5.83 4.01 -21.19
CA VAL B 337 7.19 3.49 -21.34
C VAL B 337 7.15 2.03 -21.74
N ILE B 338 6.30 1.25 -21.09
CA ILE B 338 6.09 -0.17 -21.41
C ILE B 338 4.84 -0.27 -22.26
N GLN B 339 4.91 -1.07 -23.33
CA GLN B 339 3.77 -1.22 -24.22
C GLN B 339 2.56 -1.70 -23.43
N GLU B 340 1.42 -1.07 -23.68
CA GLU B 340 0.21 -1.27 -22.89
C GLU B 340 -0.79 -2.09 -23.70
N THR B 341 -1.29 -3.18 -23.11
CA THR B 341 -2.30 -4.02 -23.72
C THR B 341 -3.32 -4.42 -22.66
N CYS B 342 -4.55 -4.67 -23.12
CA CYS B 342 -5.63 -4.99 -22.20
C CYS B 342 -5.24 -6.12 -21.26
N GLU B 343 -4.61 -7.17 -21.80
CA GLU B 343 -4.17 -8.27 -20.95
C GLU B 343 -3.11 -7.82 -19.96
N ARG B 344 -2.20 -6.93 -20.36
CA ARG B 344 -1.25 -6.37 -19.41
C ARG B 344 -1.98 -5.60 -18.30
N ARG B 345 -3.00 -4.83 -18.67
CA ARG B 345 -3.78 -4.14 -17.65
C ARG B 345 -4.36 -5.14 -16.65
N ASN B 346 -4.98 -6.21 -17.14
CA ASN B 346 -5.57 -7.19 -16.25
C ASN B 346 -4.51 -7.84 -15.36
N HIS B 347 -3.37 -8.20 -15.94
CA HIS B 347 -2.32 -8.85 -15.18
C HIS B 347 -1.84 -7.95 -14.05
N ILE B 348 -1.50 -6.70 -14.36
CA ILE B 348 -0.99 -5.79 -13.35
C ILE B 348 -2.07 -5.52 -12.31
N ASP B 349 -3.33 -5.44 -12.74
CA ASP B 349 -4.40 -5.14 -11.80
C ASP B 349 -4.57 -6.26 -10.79
N ARG B 350 -4.52 -7.52 -11.24
CA ARG B 350 -4.60 -8.63 -10.30
C ARG B 350 -3.35 -8.71 -9.42
N ALA B 351 -2.18 -8.44 -10.01
CA ALA B 351 -0.94 -8.51 -9.25
C ALA B 351 -0.94 -7.48 -8.12
N LEU B 352 -1.52 -6.30 -8.37
CA LEU B 352 -1.59 -5.29 -7.31
C LEU B 352 -2.29 -5.84 -6.08
N ASP B 353 -3.48 -6.42 -6.27
CA ASP B 353 -4.22 -6.95 -5.13
C ASP B 353 -3.45 -8.08 -4.46
N ALA B 354 -2.87 -8.99 -5.26
CA ALA B 354 -2.13 -10.09 -4.66
C ALA B 354 -0.97 -9.59 -3.81
N THR B 355 -0.21 -8.63 -4.34
CA THR B 355 0.93 -8.09 -3.62
C THR B 355 0.49 -7.33 -2.37
N GLU B 356 -0.63 -6.60 -2.44
CA GLU B 356 -1.13 -5.95 -1.25
C GLU B 356 -1.47 -6.97 -0.17
N ILE B 357 -2.13 -8.05 -0.55
CA ILE B 357 -2.47 -9.09 0.42
C ILE B 357 -1.20 -9.63 1.05
N LEU B 358 -0.19 -9.94 0.22
CA LEU B 358 1.05 -10.50 0.76
C LEU B 358 1.74 -9.51 1.69
N GLY B 359 1.78 -8.24 1.30
CA GLY B 359 2.50 -7.26 2.10
C GLY B 359 1.83 -6.98 3.43
N ILE B 360 0.49 -6.99 3.46
CA ILE B 360 -0.23 -6.66 4.69
C ILE B 360 0.25 -7.47 5.88
N LEU B 361 0.91 -8.60 5.66
CA LEU B 361 1.41 -9.44 6.75
C LEU B 361 2.49 -8.75 7.60
N HIS B 362 2.85 -7.51 7.29
CA HIS B 362 3.79 -6.80 8.15
C HIS B 362 3.21 -6.58 9.54
N SER B 363 1.90 -6.41 9.65
CA SER B 363 1.24 -6.27 10.94
C SER B 363 1.14 -7.58 11.70
N CYS B 364 1.19 -8.72 11.00
CA CYS B 364 1.07 -10.02 11.65
C CYS B 364 2.41 -10.61 12.05
N LEU B 365 3.44 -10.44 11.24
CA LEU B 365 4.74 -11.05 11.52
C LEU B 365 5.62 -10.18 12.42
N ASN B 366 5.28 -8.92 12.64
CA ASN B 366 6.12 -8.03 13.41
C ASN B 366 6.29 -8.51 14.85
N PRO B 367 5.20 -8.87 15.55
CA PRO B 367 5.37 -9.30 16.95
C PRO B 367 6.35 -10.45 17.11
N LEU B 368 6.34 -11.43 16.21
CA LEU B 368 7.28 -12.53 16.32
C LEU B 368 8.68 -12.10 15.91
N ILE B 369 8.80 -11.33 14.83
CA ILE B 369 10.12 -11.00 14.31
C ILE B 369 10.88 -10.11 15.28
N TYR B 370 10.21 -9.12 15.86
CA TYR B 370 10.91 -8.11 16.66
C TYR B 370 10.87 -8.41 18.15
N ALA B 371 9.71 -8.78 18.70
CA ALA B 371 9.54 -8.88 20.14
C ALA B 371 9.65 -10.29 20.67
N PHE B 372 8.82 -11.22 20.19
CA PHE B 372 8.77 -12.54 20.78
C PHE B 372 10.01 -13.38 20.48
N ILE B 373 10.88 -12.94 19.58
CA ILE B 373 12.11 -13.68 19.31
C ILE B 373 13.16 -13.47 20.39
N GLY B 374 12.89 -12.60 21.36
CA GLY B 374 13.82 -12.34 22.45
C GLY B 374 13.32 -12.97 23.74
N GLN B 375 14.27 -13.44 24.55
CA GLN B 375 13.89 -14.17 25.77
C GLN B 375 13.16 -13.28 26.76
N LYS B 376 13.40 -11.97 26.73
CA LYS B 376 12.79 -11.09 27.72
C LYS B 376 11.27 -11.13 27.63
N PHE B 377 10.72 -11.03 26.42
CA PHE B 377 9.28 -11.00 26.28
C PHE B 377 8.65 -12.34 26.59
N ARG B 378 9.30 -13.43 26.21
CA ARG B 378 8.78 -14.75 26.58
C ARG B 378 8.74 -14.91 28.09
N HIS B 379 9.81 -14.49 28.77
CA HIS B 379 9.83 -14.57 30.23
C HIS B 379 8.74 -13.71 30.83
N GLY B 380 8.56 -12.50 30.31
CA GLY B 380 7.50 -11.63 30.84
C GLY B 380 6.13 -12.23 30.65
N LEU B 381 5.87 -12.78 29.46
CA LEU B 381 4.57 -13.40 29.21
C LEU B 381 4.34 -14.57 30.14
N LEU B 382 5.34 -15.42 30.34
CA LEU B 382 5.17 -16.54 31.27
C LEU B 382 4.91 -16.04 32.68
N LYS B 383 5.63 -15.01 33.11
CA LYS B 383 5.43 -14.48 34.46
C LYS B 383 4.02 -13.91 34.62
N ILE B 384 3.52 -13.22 33.61
CA ILE B 384 2.19 -12.61 33.70
C ILE B 384 1.12 -13.68 33.86
N LEU B 385 1.39 -14.91 33.41
CA LEU B 385 0.36 -15.94 33.41
C LEU B 385 -0.13 -16.29 34.81
N ALA B 386 0.59 -15.90 35.86
CA ALA B 386 0.16 -16.16 37.23
C ALA B 386 -1.11 -15.37 37.55
#